data_2D4H
#
_entry.id   2D4H
#
_cell.length_a   39.921
_cell.length_b   173.450
_cell.length_c   49.632
_cell.angle_alpha   90.00
_cell.angle_beta   110.85
_cell.angle_gamma   90.00
#
_symmetry.space_group_name_H-M   'P 1 21 1'
#
loop_
_entity.id
_entity.type
_entity.pdbx_description
1 polymer 'Interferon-induced guanylate-binding protein 1'
2 non-polymer "GUANOSINE-5'-MONOPHOSPHATE"
3 water water
#
_entity_poly.entity_id   1
_entity_poly.type   'polypeptide(L)'
_entity_poly.pdbx_seq_one_letter_code
;MHHHHHHMRGSMASEIHMTGPMCLIENTNGRLMANPEALKILSAITQPMVVVAIVGLYRTGKSYLMNKLAGKKKGFSLGS
TVQSHTKGIWMWCVPHPKKPGHILVLLDTEGLGDVEKGDNQNDSWIFALAVLLSSTFVYNSIGTINQQAMDQLYYVTELT
HRIRSKSSPDENENEVEDSADFVSFFPDFVWTLRDFSLDLEADGQPLTPDEYLTYSLKLKKGTSQKDETFNLPRLCIRKF
FPKKKCFVFDRPVHRRKLAQLEKLQDEELDPEFVQQVADFCSYIFSNSKTKTLSGGIQVNGPRLESLVLTYVNAISSGDL
PCMENAVL
;
_entity_poly.pdbx_strand_id   A,B
#
loop_
_chem_comp.id
_chem_comp.type
_chem_comp.name
_chem_comp.formula
5GP non-polymer GUANOSINE-5'-MONOPHOSPHATE 'C10 H14 N5 O8 P'
#
# COMPACT_ATOMS: atom_id res chain seq x y z
N ILE A 16 -10.11 -18.95 11.58
CA ILE A 16 -10.15 -18.06 10.38
C ILE A 16 -11.60 -17.91 9.89
N HIS A 17 -12.47 -17.59 10.85
CA HIS A 17 -13.90 -17.28 10.65
C HIS A 17 -14.47 -17.29 9.22
N MET A 18 -13.89 -16.47 8.34
CA MET A 18 -14.38 -16.29 6.95
C MET A 18 -15.36 -17.36 6.47
N THR A 19 -16.65 -17.09 6.68
CA THR A 19 -17.71 -18.01 6.30
C THR A 19 -17.93 -18.02 4.79
N GLY A 20 -17.82 -16.84 4.19
CA GLY A 20 -17.96 -16.67 2.75
C GLY A 20 -16.93 -15.69 2.21
N PRO A 21 -17.01 -15.41 0.90
CA PRO A 21 -16.07 -14.49 0.25
C PRO A 21 -16.28 -13.03 0.66
N MET A 22 -15.29 -12.19 0.39
CA MET A 22 -15.34 -10.77 0.71
C MET A 22 -14.53 -9.98 -0.31
N CYS A 23 -15.09 -8.85 -0.74
CA CYS A 23 -14.45 -8.00 -1.73
C CYS A 23 -13.14 -7.40 -1.18
N LEU A 24 -12.08 -7.57 -1.96
CA LEU A 24 -10.74 -7.06 -1.60
C LEU A 24 -10.42 -5.78 -2.36
N ILE A 25 -10.82 -5.72 -3.63
CA ILE A 25 -10.69 -4.52 -4.46
C ILE A 25 -12.02 -4.32 -5.19
N GLU A 26 -12.67 -3.19 -4.92
CA GLU A 26 -13.96 -2.90 -5.54
C GLU A 26 -13.85 -1.94 -6.73
N ASN A 27 -14.65 -2.21 -7.76
CA ASN A 27 -14.71 -1.40 -8.96
C ASN A 27 -15.94 -0.50 -8.94
N THR A 28 -15.71 0.80 -8.78
CA THR A 28 -16.78 1.79 -8.71
C THR A 28 -16.38 3.03 -9.50
N ASN A 29 -17.29 3.52 -10.35
CA ASN A 29 -17.05 4.70 -11.19
C ASN A 29 -15.74 4.63 -12.00
N GLY A 30 -15.39 3.44 -12.44
CA GLY A 30 -14.12 3.22 -13.11
C GLY A 30 -12.94 3.55 -12.22
N ARG A 31 -13.11 3.33 -10.92
CA ARG A 31 -12.11 3.69 -9.91
C ARG A 31 -11.85 2.50 -8.99
N LEU A 32 -10.60 2.00 -9.04
CA LEU A 32 -10.21 0.81 -8.28
C LEU A 32 -9.81 1.16 -6.84
N MET A 33 -10.67 0.77 -5.90
CA MET A 33 -10.48 1.10 -4.49
C MET A 33 -10.29 -0.15 -3.66
N ALA A 34 -9.15 -0.22 -2.96
CA ALA A 34 -8.83 -1.34 -2.08
C ALA A 34 -9.67 -1.29 -0.81
N ASN A 35 -10.09 -2.45 -0.33
CA ASN A 35 -10.97 -2.55 0.82
C ASN A 35 -10.22 -2.56 2.17
N PRO A 36 -10.51 -1.59 3.04
CA PRO A 36 -9.89 -1.51 4.37
C PRO A 36 -10.30 -2.66 5.28
N GLU A 37 -11.56 -3.07 5.20
CA GLU A 37 -12.09 -4.21 5.95
C GLU A 37 -11.38 -5.51 5.55
N ALA A 38 -11.06 -5.63 4.27
CA ALA A 38 -10.35 -6.80 3.76
C ALA A 38 -8.87 -6.77 4.16
N LEU A 39 -8.30 -5.57 4.23
CA LEU A 39 -6.89 -5.39 4.55
C LEU A 39 -6.57 -5.70 6.02
N LYS A 40 -7.51 -5.38 6.91
CA LYS A 40 -7.36 -5.71 8.33
C LYS A 40 -7.37 -7.22 8.53
N ILE A 41 -8.13 -7.92 7.69
CA ILE A 41 -8.17 -9.39 7.73
C ILE A 41 -6.82 -9.97 7.30
N LEU A 42 -6.32 -9.54 6.15
CA LEU A 42 -5.01 -9.97 5.65
C LEU A 42 -3.92 -9.75 6.70
N SER A 43 -3.90 -8.55 7.28
CA SER A 43 -2.92 -8.19 8.31
C SER A 43 -2.88 -9.19 9.47
N ALA A 44 -4.06 -9.63 9.90
CA ALA A 44 -4.20 -10.55 11.02
C ALA A 44 -3.59 -11.93 10.79
N ILE A 45 -3.55 -12.35 9.53
CA ILE A 45 -3.02 -13.67 9.17
C ILE A 45 -1.49 -13.63 9.02
N THR A 46 -0.79 -14.26 9.97
CA THR A 46 0.68 -14.24 9.99
C THR A 46 1.31 -15.39 9.21
N GLN A 47 0.50 -16.38 8.86
CA GLN A 47 0.98 -17.60 8.20
C GLN A 47 1.20 -17.41 6.70
N PRO A 48 2.06 -18.24 6.10
CA PRO A 48 2.31 -18.19 4.64
C PRO A 48 1.07 -18.49 3.83
N MET A 49 1.01 -17.93 2.62
CA MET A 49 -0.20 -18.00 1.81
C MET A 49 0.04 -18.65 0.47
N VAL A 50 -1.00 -19.36 0.00
CA VAL A 50 -1.07 -19.86 -1.36
C VAL A 50 -2.22 -19.09 -2.01
N VAL A 51 -1.88 -18.18 -2.92
CA VAL A 51 -2.88 -17.36 -3.58
C VAL A 51 -3.27 -17.95 -4.93
N VAL A 52 -4.55 -18.31 -5.06
CA VAL A 52 -5.09 -18.86 -6.30
C VAL A 52 -6.19 -17.95 -6.83
N ALA A 53 -5.92 -17.31 -7.96
CA ALA A 53 -6.89 -16.42 -8.58
C ALA A 53 -7.69 -17.13 -9.66
N ILE A 54 -9.01 -17.20 -9.44
CA ILE A 54 -9.93 -17.75 -10.44
C ILE A 54 -10.47 -16.57 -11.25
N VAL A 55 -9.89 -16.37 -12.43
CA VAL A 55 -10.25 -15.24 -13.28
C VAL A 55 -11.04 -15.70 -14.50
N GLY A 56 -11.72 -14.76 -15.15
CA GLY A 56 -12.48 -15.03 -16.34
C GLY A 56 -13.66 -14.09 -16.49
N LEU A 57 -14.56 -14.43 -17.42
CA LEU A 57 -15.78 -13.65 -17.62
C LEU A 57 -16.85 -14.03 -16.61
N TYR A 58 -17.73 -13.08 -16.30
CA TYR A 58 -18.81 -13.30 -15.34
C TYR A 58 -19.80 -14.34 -15.88
N ARG A 59 -20.41 -15.10 -14.96
CA ARG A 59 -21.37 -16.16 -15.31
C ARG A 59 -20.74 -17.26 -16.17
N THR A 60 -19.59 -17.76 -15.72
CA THR A 60 -18.92 -18.88 -16.39
C THR A 60 -18.67 -20.04 -15.42
N GLY A 61 -19.14 -19.88 -14.19
CA GLY A 61 -19.07 -20.94 -13.19
C GLY A 61 -17.87 -20.88 -12.29
N LYS A 62 -17.24 -19.71 -12.23
CA LYS A 62 -16.05 -19.48 -11.39
C LYS A 62 -16.36 -19.74 -9.91
N SER A 63 -17.51 -19.23 -9.46
CA SER A 63 -17.94 -19.36 -8.08
C SER A 63 -17.88 -20.79 -7.54
N TYR A 64 -18.24 -21.76 -8.37
CA TYR A 64 -18.20 -23.18 -7.99
C TYR A 64 -16.79 -23.65 -7.68
N LEU A 65 -15.82 -23.21 -8.49
CA LEU A 65 -14.41 -23.51 -8.25
C LEU A 65 -13.96 -22.91 -6.93
N MET A 66 -14.42 -21.69 -6.65
CA MET A 66 -14.11 -20.97 -5.42
C MET A 66 -14.62 -21.73 -4.20
N ASN A 67 -15.92 -22.04 -4.19
CA ASN A 67 -16.55 -22.73 -3.08
C ASN A 67 -15.94 -24.11 -2.87
N LYS A 68 -15.74 -24.84 -3.96
CA LYS A 68 -15.09 -26.14 -3.92
C LYS A 68 -13.66 -26.07 -3.40
N LEU A 69 -12.97 -24.99 -3.75
CA LEU A 69 -11.60 -24.76 -3.31
C LEU A 69 -11.54 -24.30 -1.86
N ALA A 70 -12.54 -23.54 -1.45
CA ALA A 70 -12.66 -23.09 -0.06
C ALA A 70 -13.11 -24.23 0.86
N GLY A 71 -13.47 -25.36 0.25
CA GLY A 71 -13.86 -26.55 1.00
C GLY A 71 -15.35 -26.66 1.23
N LYS A 72 -16.10 -25.64 0.85
CA LYS A 72 -17.54 -25.60 1.03
C LYS A 72 -18.25 -26.77 0.34
N LYS A 73 -19.14 -27.42 1.08
CA LYS A 73 -19.86 -28.61 0.61
C LYS A 73 -21.04 -28.26 -0.31
N LYS A 74 -21.76 -27.21 0.06
CA LYS A 74 -22.94 -26.75 -0.66
C LYS A 74 -22.58 -25.45 -1.38
N GLY A 75 -21.99 -25.57 -2.57
CA GLY A 75 -21.43 -24.41 -3.24
C GLY A 75 -21.63 -24.33 -4.74
N PHE A 76 -22.86 -24.54 -5.19
CA PHE A 76 -23.23 -24.38 -6.59
C PHE A 76 -24.51 -23.58 -6.67
N SER A 77 -24.40 -22.26 -6.71
CA SER A 77 -25.57 -21.39 -6.78
C SER A 77 -26.25 -21.49 -8.15
N LEU A 78 -27.52 -21.14 -8.21
CA LEU A 78 -28.27 -21.17 -9.46
C LEU A 78 -28.91 -19.81 -9.70
N GLY A 79 -28.28 -19.04 -10.58
CA GLY A 79 -28.70 -17.67 -10.84
C GLY A 79 -28.51 -16.79 -9.64
N SER A 80 -27.38 -16.07 -9.61
CA SER A 80 -27.13 -15.05 -8.60
C SER A 80 -27.61 -13.69 -9.14
N THR A 81 -28.93 -13.60 -9.34
CA THR A 81 -29.56 -12.45 -9.97
C THR A 81 -29.25 -11.13 -9.25
N VAL A 82 -29.16 -10.06 -10.03
CA VAL A 82 -28.84 -8.72 -9.52
C VAL A 82 -29.99 -8.16 -8.65
N GLN A 83 -31.03 -7.65 -9.32
CA GLN A 83 -32.17 -7.03 -8.64
C GLN A 83 -33.48 -7.73 -8.99
N LYS A 87 -18.27 -6.36 -7.86
CA LYS A 87 -17.42 -6.24 -9.05
C LYS A 87 -16.02 -5.76 -8.68
N GLY A 88 -15.03 -6.56 -9.04
CA GLY A 88 -13.64 -6.30 -8.70
C GLY A 88 -12.93 -7.60 -8.35
N ILE A 89 -12.22 -7.61 -7.24
CA ILE A 89 -11.56 -8.83 -6.77
C ILE A 89 -12.05 -9.21 -5.38
N TRP A 90 -12.71 -10.35 -5.29
CA TRP A 90 -13.18 -10.88 -4.02
C TRP A 90 -12.18 -11.88 -3.46
N MET A 91 -12.15 -12.01 -2.13
CA MET A 91 -11.20 -12.92 -1.47
C MET A 91 -11.89 -13.94 -0.57
N TRP A 92 -11.21 -15.06 -0.36
CA TRP A 92 -11.67 -16.10 0.56
C TRP A 92 -10.46 -16.80 1.18
N CYS A 93 -10.18 -16.47 2.43
CA CYS A 93 -9.07 -17.05 3.17
C CYS A 93 -9.53 -18.21 4.03
N VAL A 94 -9.14 -19.41 3.63
CA VAL A 94 -9.37 -20.61 4.42
C VAL A 94 -8.01 -21.23 4.75
N PRO A 95 -7.94 -22.12 5.74
CA PRO A 95 -6.74 -22.92 5.96
C PRO A 95 -6.46 -23.83 4.75
N HIS A 96 -5.19 -24.07 4.45
CA HIS A 96 -4.84 -24.97 3.37
C HIS A 96 -5.12 -26.41 3.77
N PRO A 97 -5.97 -27.10 2.99
CA PRO A 97 -6.43 -28.45 3.31
C PRO A 97 -5.36 -29.55 3.21
N LYS A 98 -4.18 -29.20 2.72
CA LYS A 98 -3.08 -30.15 2.58
C LYS A 98 -1.77 -29.59 3.13
N LYS A 99 -1.83 -28.37 3.65
CA LYS A 99 -0.66 -27.70 4.20
C LYS A 99 -0.97 -27.04 5.54
N PRO A 100 -0.83 -27.77 6.63
CA PRO A 100 -0.98 -27.19 7.97
C PRO A 100 0.06 -26.09 8.20
N GLY A 101 -0.37 -25.00 8.82
CA GLY A 101 0.49 -23.85 9.04
C GLY A 101 0.53 -22.93 7.84
N HIS A 102 -0.15 -23.33 6.77
CA HIS A 102 -0.27 -22.54 5.55
C HIS A 102 -1.71 -22.16 5.33
N ILE A 103 -1.93 -20.95 4.81
CA ILE A 103 -3.27 -20.46 4.52
C ILE A 103 -3.50 -20.48 3.01
N LEU A 104 -4.75 -20.67 2.60
CA LEU A 104 -5.12 -20.62 1.20
C LEU A 104 -5.95 -19.36 0.95
N VAL A 105 -5.37 -18.41 0.23
CA VAL A 105 -6.09 -17.21 -0.14
C VAL A 105 -6.66 -17.39 -1.54
N LEU A 106 -7.97 -17.20 -1.66
CA LEU A 106 -8.65 -17.36 -2.94
C LEU A 106 -9.13 -16.02 -3.45
N LEU A 107 -8.75 -15.70 -4.68
CA LEU A 107 -9.16 -14.47 -5.32
C LEU A 107 -10.05 -14.79 -6.52
N ASP A 108 -11.02 -13.91 -6.75
CA ASP A 108 -12.01 -14.10 -7.80
C ASP A 108 -12.22 -12.76 -8.49
N THR A 109 -12.11 -12.75 -9.81
CA THR A 109 -12.35 -11.53 -10.58
C THR A 109 -13.83 -11.38 -10.88
N GLU A 110 -14.50 -10.57 -10.07
CA GLU A 110 -15.94 -10.36 -10.15
C GLU A 110 -16.34 -9.28 -11.16
N GLY A 111 -17.40 -9.57 -11.91
CA GLY A 111 -18.04 -8.59 -12.77
C GLY A 111 -17.42 -8.34 -14.13
N LEU A 112 -16.37 -9.07 -14.46
CA LEU A 112 -15.64 -8.86 -15.72
C LEU A 112 -16.54 -8.98 -16.95
N GLY A 113 -16.79 -7.84 -17.59
CA GLY A 113 -17.61 -7.76 -18.79
C GLY A 113 -19.08 -8.01 -18.52
N ASP A 114 -19.56 -7.55 -17.36
CA ASP A 114 -20.94 -7.80 -16.92
C ASP A 114 -21.95 -6.86 -17.58
N VAL A 115 -21.91 -5.58 -17.21
CA VAL A 115 -22.82 -4.58 -17.77
C VAL A 115 -22.28 -4.10 -19.11
N GLU A 116 -20.97 -4.22 -19.30
CA GLU A 116 -20.29 -3.86 -20.54
C GLU A 116 -20.75 -4.75 -21.71
N ASN A 120 -12.36 4.39 -16.78
CA ASN A 120 -12.02 3.47 -17.87
C ASN A 120 -12.33 2.02 -17.50
N GLN A 121 -12.43 1.17 -18.52
CA GLN A 121 -12.74 -0.25 -18.30
C GLN A 121 -11.61 -0.97 -17.56
N ASN A 122 -11.74 -1.03 -16.24
CA ASN A 122 -10.73 -1.63 -15.37
C ASN A 122 -10.73 -3.15 -15.40
N ASP A 123 -11.25 -3.74 -16.48
CA ASP A 123 -11.29 -5.18 -16.62
C ASP A 123 -9.90 -5.76 -16.71
N SER A 124 -9.08 -5.19 -17.60
CA SER A 124 -7.69 -5.61 -17.77
C SER A 124 -6.88 -5.44 -16.48
N TRP A 125 -7.12 -4.35 -15.76
CA TRP A 125 -6.42 -4.05 -14.51
C TRP A 125 -6.75 -5.05 -13.40
N ILE A 126 -8.04 -5.30 -13.20
CA ILE A 126 -8.51 -6.29 -12.22
C ILE A 126 -7.90 -7.65 -12.54
N PHE A 127 -7.98 -8.03 -13.81
CA PHE A 127 -7.34 -9.21 -14.36
C PHE A 127 -5.85 -9.23 -13.97
N ALA A 128 -5.16 -8.12 -14.20
CA ALA A 128 -3.72 -8.02 -13.93
C ALA A 128 -3.38 -8.16 -12.45
N LEU A 129 -4.11 -7.46 -11.59
CA LEU A 129 -3.90 -7.54 -10.14
C LEU A 129 -4.04 -8.98 -9.64
N ALA A 130 -5.05 -9.68 -10.15
CA ALA A 130 -5.27 -11.08 -9.82
C ALA A 130 -4.01 -11.90 -10.10
N VAL A 131 -3.51 -11.82 -11.34
CA VAL A 131 -2.27 -12.47 -11.76
C VAL A 131 -1.07 -12.02 -10.91
N LEU A 132 -0.96 -10.72 -10.67
CA LEU A 132 0.09 -10.16 -9.81
C LEU A 132 0.07 -10.79 -8.41
N LEU A 133 -1.05 -10.62 -7.71
CA LEU A 133 -1.21 -11.05 -6.33
C LEU A 133 -1.20 -12.57 -6.15
N SER A 134 -1.50 -13.29 -7.22
CA SER A 134 -1.63 -14.74 -7.13
C SER A 134 -0.32 -15.51 -7.21
N SER A 135 -0.34 -16.70 -6.62
CA SER A 135 0.75 -17.66 -6.72
C SER A 135 0.41 -18.66 -7.84
N THR A 136 -0.88 -18.92 -8.01
CA THR A 136 -1.38 -19.70 -9.14
C THR A 136 -2.47 -18.93 -9.87
N PHE A 137 -2.48 -19.07 -11.20
CA PHE A 137 -3.38 -18.32 -12.06
C PHE A 137 -4.32 -19.29 -12.78
N VAL A 138 -5.62 -19.16 -12.51
CA VAL A 138 -6.62 -20.03 -13.10
C VAL A 138 -7.57 -19.25 -14.02
N TYR A 139 -7.44 -19.48 -15.32
CA TYR A 139 -8.28 -18.82 -16.31
C TYR A 139 -9.49 -19.69 -16.66
N ASN A 140 -10.69 -19.13 -16.47
CA ASN A 140 -11.94 -19.84 -16.66
C ASN A 140 -12.76 -19.27 -17.81
N SER A 141 -13.05 -20.11 -18.81
CA SER A 141 -13.76 -19.68 -20.00
C SER A 141 -14.69 -20.78 -20.54
N ILE A 142 -15.70 -20.35 -21.30
CA ILE A 142 -16.67 -21.26 -21.90
C ILE A 142 -16.27 -21.61 -23.34
N GLY A 143 -16.65 -22.81 -23.78
CA GLY A 143 -16.44 -23.23 -25.15
C GLY A 143 -15.01 -23.53 -25.50
N THR A 144 -14.72 -23.53 -26.80
CA THR A 144 -13.39 -23.80 -27.30
C THR A 144 -12.47 -22.59 -27.13
N ILE A 145 -11.16 -22.84 -27.05
CA ILE A 145 -10.17 -21.78 -26.91
C ILE A 145 -10.20 -20.85 -28.13
N ASN A 146 -10.57 -19.60 -27.89
CA ASN A 146 -10.67 -18.59 -28.96
C ASN A 146 -9.62 -17.48 -28.84
N GLN A 147 -9.38 -16.81 -29.96
CA GLN A 147 -8.41 -15.72 -30.06
C GLN A 147 -8.61 -14.63 -29.01
N GLN A 148 -9.86 -14.25 -28.78
CA GLN A 148 -10.20 -13.20 -27.81
C GLN A 148 -9.58 -13.47 -26.43
N ALA A 149 -9.60 -14.74 -26.02
CA ALA A 149 -8.98 -15.15 -24.76
C ALA A 149 -7.46 -15.06 -24.84
N MET A 150 -6.90 -15.47 -25.98
CA MET A 150 -5.46 -15.42 -26.22
C MET A 150 -4.93 -13.99 -26.19
N ASP A 151 -5.68 -13.07 -26.77
CA ASP A 151 -5.27 -11.66 -26.88
C ASP A 151 -5.23 -10.95 -25.52
N GLN A 152 -6.23 -11.19 -24.69
CA GLN A 152 -6.29 -10.59 -23.36
C GLN A 152 -5.29 -11.25 -22.40
N LEU A 153 -5.05 -12.54 -22.62
CA LEU A 153 -4.04 -13.28 -21.88
C LEU A 153 -2.67 -12.71 -22.22
N TYR A 154 -2.49 -12.36 -23.49
CA TYR A 154 -1.30 -11.67 -23.97
C TYR A 154 -1.22 -10.28 -23.36
N TYR A 155 -2.34 -9.56 -23.39
CA TYR A 155 -2.43 -8.19 -22.88
C TYR A 155 -2.09 -8.07 -21.41
N VAL A 156 -2.59 -9.02 -20.61
CA VAL A 156 -2.37 -9.01 -19.16
C VAL A 156 -0.91 -9.31 -18.82
N THR A 157 -0.31 -10.27 -19.53
CA THR A 157 1.09 -10.62 -19.33
C THR A 157 1.97 -9.37 -19.36
N GLU A 158 1.82 -8.58 -20.43
CA GLU A 158 2.57 -7.35 -20.59
C GLU A 158 2.14 -6.29 -19.58
N LEU A 159 0.82 -6.17 -19.35
CA LEU A 159 0.30 -5.22 -18.38
C LEU A 159 0.88 -5.44 -16.97
N THR A 160 0.96 -6.70 -16.56
CA THR A 160 1.55 -7.08 -15.27
C THR A 160 3.01 -6.71 -15.23
N HIS A 161 3.69 -6.85 -16.37
CA HIS A 161 5.09 -6.46 -16.51
C HIS A 161 5.27 -4.97 -16.23
N ARG A 162 4.39 -4.16 -16.79
CA ARG A 162 4.46 -2.70 -16.66
C ARG A 162 4.17 -2.22 -15.24
N ILE A 163 3.26 -2.92 -14.55
CA ILE A 163 2.88 -2.56 -13.18
C ILE A 163 3.93 -3.01 -12.17
N ARG A 164 4.40 -4.25 -12.30
CA ARG A 164 5.43 -4.80 -11.42
C ARG A 164 6.71 -3.98 -11.52
N SER A 165 7.02 -3.52 -12.72
CA SER A 165 8.19 -2.70 -13.00
C SER A 165 8.10 -1.32 -12.36
N LYS A 166 6.88 -0.84 -12.17
CA LYS A 166 6.64 0.44 -11.48
C LYS A 166 6.80 0.30 -9.96
N SER A 167 7.17 -0.90 -9.50
CA SER A 167 7.43 -1.15 -8.09
C SER A 167 8.87 -1.57 -7.80
N SER A 168 9.64 -1.85 -8.86
CA SER A 168 11.05 -2.21 -8.73
C SER A 168 11.92 -1.02 -8.31
N PRO A 169 12.79 -1.23 -7.31
CA PRO A 169 13.66 -0.17 -6.76
C PRO A 169 14.44 0.68 -7.78
N ASP A 170 14.79 0.11 -8.93
CA ASP A 170 15.39 0.90 -10.02
C ASP A 170 14.41 1.09 -11.16
N GLU A 171 14.45 2.27 -11.77
CA GLU A 171 13.52 2.68 -12.83
C GLU A 171 13.41 1.67 -13.98
N SER A 179 14.96 -11.92 -20.51
CA SER A 179 14.65 -11.42 -19.17
C SER A 179 14.14 -12.54 -18.27
N ALA A 180 15.07 -13.33 -17.74
CA ALA A 180 14.72 -14.47 -16.87
C ALA A 180 14.39 -14.07 -15.43
N ASP A 181 14.30 -12.76 -15.18
CA ASP A 181 14.01 -12.23 -13.84
C ASP A 181 12.53 -11.90 -13.64
N PHE A 182 11.78 -11.82 -14.73
CA PHE A 182 10.34 -11.56 -14.68
C PHE A 182 9.53 -12.86 -14.83
N VAL A 183 10.14 -13.87 -15.45
CA VAL A 183 9.50 -15.17 -15.64
C VAL A 183 9.44 -15.93 -14.30
N SER A 184 10.44 -15.69 -13.45
CA SER A 184 10.50 -16.29 -12.11
C SER A 184 9.41 -15.77 -11.19
N PHE A 185 8.84 -14.61 -11.53
CA PHE A 185 7.80 -13.96 -10.75
C PHE A 185 6.40 -14.44 -11.10
N PHE A 186 6.22 -14.84 -12.35
CA PHE A 186 4.90 -15.22 -12.88
C PHE A 186 4.33 -16.46 -12.21
N PRO A 187 3.01 -16.48 -12.03
CA PRO A 187 2.33 -17.63 -11.43
C PRO A 187 2.19 -18.81 -12.41
N ASP A 188 1.82 -19.97 -11.87
CA ASP A 188 1.46 -21.13 -12.69
C ASP A 188 0.16 -20.88 -13.42
N PHE A 189 0.01 -21.50 -14.59
CA PHE A 189 -1.19 -21.30 -15.39
C PHE A 189 -2.09 -22.54 -15.38
N VAL A 190 -3.38 -22.32 -15.12
CA VAL A 190 -4.39 -23.37 -15.23
C VAL A 190 -5.57 -22.86 -16.05
N TRP A 191 -5.89 -23.56 -17.13
CA TRP A 191 -7.06 -23.23 -17.93
C TRP A 191 -8.22 -24.19 -17.62
N THR A 192 -9.32 -23.65 -17.11
CA THR A 192 -10.53 -24.44 -16.93
C THR A 192 -11.52 -24.09 -18.04
N LEU A 193 -11.78 -25.07 -18.90
CA LEU A 193 -12.75 -24.91 -19.97
C LEU A 193 -14.11 -25.41 -19.51
N ARG A 194 -15.15 -24.63 -19.83
CA ARG A 194 -16.50 -24.88 -19.33
C ARG A 194 -17.47 -25.16 -20.47
N ASP A 195 -18.58 -25.83 -20.15
CA ASP A 195 -19.61 -26.23 -21.12
C ASP A 195 -19.00 -26.84 -22.38
N PHE A 196 -17.74 -27.24 -22.25
CA PHE A 196 -17.01 -27.90 -23.31
C PHE A 196 -16.99 -29.38 -22.98
N SER A 197 -18.16 -29.91 -22.66
CA SER A 197 -18.37 -31.34 -22.44
C SER A 197 -18.20 -32.08 -23.76
N LEU A 198 -17.97 -31.32 -24.83
CA LEU A 198 -17.66 -31.85 -26.14
C LEU A 198 -16.27 -32.50 -26.07
N ASP A 199 -15.22 -31.68 -26.26
CA ASP A 199 -13.84 -32.14 -26.18
C ASP A 199 -13.68 -33.57 -26.70
N LEU A 200 -13.91 -33.73 -28.00
CA LEU A 200 -13.76 -35.04 -28.64
C LEU A 200 -12.92 -34.95 -29.90
N GLU A 201 -11.65 -35.35 -29.77
CA GLU A 201 -10.69 -35.39 -30.86
C GLU A 201 -9.49 -36.25 -30.46
N ALA A 202 -8.81 -36.83 -31.46
CA ALA A 202 -7.72 -37.76 -31.20
C ALA A 202 -6.76 -37.98 -32.38
N ASP A 203 -5.75 -38.80 -32.15
CA ASP A 203 -4.91 -39.35 -33.21
C ASP A 203 -5.22 -40.86 -33.35
N GLY A 204 -4.96 -41.60 -32.26
CA GLY A 204 -5.31 -43.00 -32.14
C GLY A 204 -5.91 -43.18 -30.75
N GLN A 205 -5.45 -42.35 -29.83
CA GLN A 205 -5.97 -42.28 -28.47
C GLN A 205 -6.54 -40.89 -28.21
N PRO A 206 -7.68 -40.80 -27.53
CA PRO A 206 -8.33 -39.51 -27.27
C PRO A 206 -7.41 -38.48 -26.63
N LEU A 207 -7.52 -37.24 -27.08
CA LEU A 207 -6.71 -36.15 -26.54
C LEU A 207 -7.06 -35.88 -25.08
N THR A 208 -6.04 -35.64 -24.27
CA THR A 208 -6.21 -35.23 -22.89
C THR A 208 -6.46 -33.73 -22.87
N PRO A 209 -7.01 -33.19 -21.78
CA PRO A 209 -7.20 -31.75 -21.65
C PRO A 209 -5.89 -31.00 -21.92
N ASP A 210 -4.79 -31.51 -21.38
CA ASP A 210 -3.47 -30.93 -21.58
C ASP A 210 -3.07 -30.87 -23.05
N GLU A 211 -3.18 -32.01 -23.74
CA GLU A 211 -2.87 -32.10 -25.16
C GLU A 211 -3.75 -31.15 -25.99
N TYR A 212 -5.01 -31.03 -25.59
CA TYR A 212 -5.93 -30.08 -26.21
C TYR A 212 -5.38 -28.66 -26.09
N LEU A 213 -4.78 -28.34 -24.94
CA LEU A 213 -4.22 -27.03 -24.71
C LEU A 213 -3.11 -26.71 -25.70
N THR A 214 -2.07 -27.55 -25.72
CA THR A 214 -0.93 -27.38 -26.62
C THR A 214 -1.39 -27.34 -28.08
N TYR A 215 -2.36 -28.20 -28.41
CA TYR A 215 -2.97 -28.23 -29.74
C TYR A 215 -3.57 -26.87 -30.10
N SER A 216 -4.52 -26.39 -29.28
CA SER A 216 -5.15 -25.09 -29.52
C SER A 216 -4.16 -23.94 -29.31
N LEU A 217 -2.93 -24.29 -28.90
CA LEU A 217 -1.86 -23.33 -28.68
C LEU A 217 -0.81 -23.43 -29.78
N LYS A 218 -1.06 -24.29 -30.77
CA LYS A 218 -0.13 -24.48 -31.88
C LYS A 218 -0.09 -23.25 -32.76
N LEU A 219 1.13 -22.87 -33.16
CA LEU A 219 1.34 -21.70 -34.00
C LEU A 219 0.93 -21.96 -35.44
N LYS A 220 0.38 -20.94 -36.08
CA LYS A 220 0.08 -21.00 -37.50
C LYS A 220 1.37 -20.93 -38.30
N LYS A 221 1.52 -21.86 -39.24
CA LYS A 221 2.70 -21.92 -40.09
C LYS A 221 2.47 -21.07 -41.33
N GLY A 222 3.02 -19.86 -41.32
CA GLY A 222 2.88 -18.94 -42.43
C GLY A 222 3.62 -17.64 -42.20
N THR A 223 4.35 -17.20 -43.23
CA THR A 223 5.14 -15.96 -43.17
C THR A 223 4.27 -14.73 -43.47
N SER A 224 3.09 -14.68 -42.86
CA SER A 224 2.13 -13.60 -43.11
C SER A 224 1.97 -12.70 -41.88
N GLN A 225 1.36 -11.53 -42.08
CA GLN A 225 1.08 -10.59 -40.99
C GLN A 225 -0.36 -10.73 -40.45
N LYS A 226 -1.01 -11.84 -40.79
CA LYS A 226 -2.28 -12.21 -40.18
C LYS A 226 -2.03 -13.34 -39.19
N ASP A 227 -1.15 -14.27 -39.57
CA ASP A 227 -0.70 -15.35 -38.69
C ASP A 227 0.25 -14.81 -37.63
N GLU A 228 1.00 -13.77 -38.00
CA GLU A 228 1.86 -13.06 -37.07
C GLU A 228 1.01 -12.49 -35.92
N THR A 229 -0.01 -11.72 -36.28
CA THR A 229 -0.94 -11.15 -35.31
C THR A 229 -1.94 -12.22 -34.84
N PHE A 230 -1.44 -13.45 -34.71
CA PHE A 230 -2.20 -14.61 -34.28
C PHE A 230 -1.29 -15.47 -33.40
N ASN A 231 -0.01 -15.51 -33.74
CA ASN A 231 0.98 -16.32 -33.03
C ASN A 231 1.63 -15.61 -31.85
N LEU A 232 1.53 -14.27 -31.83
CA LEU A 232 2.11 -13.48 -30.75
C LEU A 232 1.62 -13.92 -29.37
N PRO A 233 0.30 -13.98 -29.14
CA PRO A 233 -0.22 -14.45 -27.85
C PRO A 233 0.23 -15.87 -27.51
N ARG A 234 0.29 -16.76 -28.51
CA ARG A 234 0.80 -18.13 -28.30
C ARG A 234 2.25 -18.11 -27.84
N LEU A 235 3.07 -17.32 -28.55
CA LEU A 235 4.49 -17.15 -28.22
C LEU A 235 4.68 -16.63 -26.81
N CYS A 236 3.80 -15.71 -26.41
CA CYS A 236 3.84 -15.08 -25.10
C CYS A 236 3.55 -16.07 -23.98
N ILE A 237 2.57 -16.94 -24.19
CA ILE A 237 2.19 -17.96 -23.21
C ILE A 237 3.31 -19.01 -23.10
N ARG A 238 3.96 -19.27 -24.24
CA ARG A 238 5.06 -20.24 -24.32
C ARG A 238 6.25 -19.85 -23.43
N LYS A 239 6.46 -18.54 -23.29
CA LYS A 239 7.61 -18.03 -22.55
C LYS A 239 7.29 -17.74 -21.08
N PHE A 240 6.12 -17.15 -20.83
CA PHE A 240 5.79 -16.64 -19.50
C PHE A 240 5.04 -17.59 -18.59
N PHE A 241 4.43 -18.61 -19.17
CA PHE A 241 3.71 -19.62 -18.40
C PHE A 241 4.33 -21.01 -18.60
N PRO A 242 5.42 -21.27 -17.86
CA PRO A 242 6.20 -22.51 -18.03
C PRO A 242 5.39 -23.74 -17.62
N LYS A 243 4.90 -23.75 -16.38
CA LYS A 243 4.01 -24.81 -15.93
C LYS A 243 2.58 -24.48 -16.35
N LYS A 244 2.00 -25.34 -17.18
CA LYS A 244 0.66 -25.13 -17.71
C LYS A 244 -0.20 -26.39 -17.66
N LYS A 245 -1.27 -26.33 -16.87
CA LYS A 245 -2.23 -27.41 -16.75
C LYS A 245 -3.56 -26.98 -17.37
N CYS A 246 -4.23 -27.91 -18.03
CA CYS A 246 -5.54 -27.63 -18.60
C CYS A 246 -6.62 -28.56 -18.04
N PHE A 247 -7.81 -28.01 -17.88
CA PHE A 247 -8.97 -28.79 -17.41
C PHE A 247 -10.19 -28.51 -18.28
N VAL A 248 -10.75 -29.58 -18.85
CA VAL A 248 -12.01 -29.49 -19.59
C VAL A 248 -13.14 -29.99 -18.69
N PHE A 249 -14.20 -29.20 -18.57
CA PHE A 249 -15.32 -29.55 -17.69
C PHE A 249 -16.62 -29.77 -18.46
N ASP A 250 -17.36 -30.78 -18.02
CA ASP A 250 -18.65 -31.11 -18.60
C ASP A 250 -19.71 -30.07 -18.21
N ARG A 251 -20.74 -29.95 -19.05
CA ARG A 251 -21.91 -29.13 -18.74
C ARG A 251 -22.52 -29.60 -17.42
N PRO A 252 -22.74 -28.68 -16.48
CA PRO A 252 -23.31 -29.05 -15.17
C PRO A 252 -24.79 -29.37 -15.32
N VAL A 253 -25.14 -30.63 -15.05
CA VAL A 253 -26.50 -31.10 -15.21
C VAL A 253 -27.09 -31.52 -13.87
N HIS A 254 -28.23 -30.92 -13.53
CA HIS A 254 -28.78 -31.00 -12.18
C HIS A 254 -30.31 -31.03 -12.17
N ARG A 255 -30.87 -31.40 -11.03
CA ARG A 255 -32.31 -31.27 -10.78
C ARG A 255 -32.77 -29.85 -11.13
N ARG A 256 -34.02 -29.73 -11.58
CA ARG A 256 -34.62 -28.44 -11.89
C ARG A 256 -34.56 -27.47 -10.72
N LYS A 257 -34.59 -26.18 -11.03
CA LYS A 257 -34.61 -25.14 -10.03
C LYS A 257 -35.90 -25.18 -9.20
N LEU A 258 -35.86 -25.99 -8.14
CA LEU A 258 -36.99 -26.13 -7.24
C LEU A 258 -37.05 -24.88 -6.35
N ALA A 259 -37.96 -23.97 -6.70
CA ALA A 259 -38.03 -22.63 -6.11
C ALA A 259 -36.73 -21.85 -6.32
N GLN A 260 -36.79 -20.90 -7.25
CA GLN A 260 -35.62 -20.17 -7.74
C GLN A 260 -34.82 -19.41 -6.68
N LEU A 261 -33.58 -19.09 -7.03
CA LEU A 261 -32.66 -18.26 -6.22
C LEU A 261 -31.98 -19.03 -5.07
N GLU A 262 -31.47 -20.23 -5.36
CA GLU A 262 -30.91 -21.11 -4.33
C GLU A 262 -29.48 -21.61 -4.63
N LYS A 263 -28.99 -22.53 -3.80
CA LYS A 263 -27.63 -23.04 -3.88
C LYS A 263 -27.59 -24.56 -3.68
N LEU A 264 -27.39 -25.29 -4.78
CA LEU A 264 -27.44 -26.76 -4.77
C LEU A 264 -26.26 -27.43 -4.06
N GLN A 265 -26.27 -28.77 -4.07
CA GLN A 265 -25.20 -29.57 -3.48
C GLN A 265 -24.67 -30.62 -4.47
N ASP A 266 -23.43 -31.04 -4.27
CA ASP A 266 -22.73 -31.96 -5.17
C ASP A 266 -23.56 -33.18 -5.58
N GLU A 267 -24.24 -33.79 -4.61
CA GLU A 267 -25.05 -34.99 -4.84
C GLU A 267 -26.23 -34.75 -5.80
N GLU A 268 -26.39 -33.50 -6.23
CA GLU A 268 -27.46 -33.11 -7.14
C GLU A 268 -26.95 -32.59 -8.48
N LEU A 269 -25.64 -32.75 -8.72
CA LEU A 269 -25.04 -32.36 -10.00
C LEU A 269 -24.47 -33.59 -10.72
N ASP A 270 -24.29 -33.46 -12.03
CA ASP A 270 -23.71 -34.53 -12.85
C ASP A 270 -22.45 -35.06 -12.17
N PRO A 271 -22.44 -36.35 -11.85
CA PRO A 271 -21.35 -36.98 -11.08
C PRO A 271 -19.97 -36.76 -11.72
N GLU A 272 -19.93 -36.71 -13.05
CA GLU A 272 -18.69 -36.44 -13.79
C GLU A 272 -18.19 -35.01 -13.51
N PHE A 273 -19.10 -34.05 -13.60
CA PHE A 273 -18.77 -32.65 -13.32
C PHE A 273 -18.16 -32.50 -11.91
N VAL A 274 -18.76 -33.20 -10.95
CA VAL A 274 -18.26 -33.19 -9.57
C VAL A 274 -16.86 -33.80 -9.49
N GLN A 275 -16.65 -34.92 -10.17
CA GLN A 275 -15.34 -35.59 -10.14
C GLN A 275 -14.26 -34.78 -10.85
N GLN A 276 -14.64 -34.11 -11.94
CA GLN A 276 -13.72 -33.27 -12.71
C GLN A 276 -13.24 -32.08 -11.87
N VAL A 277 -14.19 -31.39 -11.25
CA VAL A 277 -13.88 -30.21 -10.43
C VAL A 277 -13.12 -30.59 -9.16
N ALA A 278 -13.30 -31.84 -8.71
CA ALA A 278 -12.55 -32.36 -7.57
C ALA A 278 -11.11 -32.64 -7.94
N ASP A 279 -10.92 -33.28 -9.10
CA ASP A 279 -9.59 -33.56 -9.65
C ASP A 279 -8.83 -32.26 -9.91
N PHE A 280 -9.57 -31.20 -10.20
CA PHE A 280 -9.01 -29.85 -10.32
C PHE A 280 -8.52 -29.37 -8.95
N CYS A 281 -9.42 -29.38 -7.97
CA CYS A 281 -9.10 -28.99 -6.59
C CYS A 281 -7.88 -29.73 -6.03
N SER A 282 -7.80 -31.04 -6.28
CA SER A 282 -6.66 -31.84 -5.84
C SER A 282 -5.34 -31.34 -6.43
N TYR A 283 -5.36 -30.98 -7.71
CA TYR A 283 -4.18 -30.42 -8.36
C TYR A 283 -3.77 -29.09 -7.72
N ILE A 284 -4.75 -28.35 -7.21
CA ILE A 284 -4.48 -27.06 -6.58
C ILE A 284 -3.89 -27.24 -5.18
N PHE A 285 -4.43 -28.18 -4.42
CA PHE A 285 -4.01 -28.41 -3.04
C PHE A 285 -2.61 -29.03 -2.96
N SER A 286 -2.11 -29.50 -4.09
CA SER A 286 -0.83 -30.21 -4.14
C SER A 286 0.24 -29.47 -4.93
N ASN A 287 -0.13 -29.05 -6.15
CA ASN A 287 0.83 -28.45 -7.08
C ASN A 287 1.09 -26.96 -6.86
N SER A 288 0.13 -26.24 -6.28
CA SER A 288 0.25 -24.79 -6.11
C SER A 288 1.24 -24.40 -5.01
N LYS A 289 2.21 -23.58 -5.38
CA LYS A 289 3.30 -23.16 -4.47
C LYS A 289 2.90 -21.98 -3.59
N THR A 290 3.60 -21.82 -2.48
CA THR A 290 3.42 -20.68 -1.59
C THR A 290 3.88 -19.40 -2.30
N LYS A 291 3.07 -18.35 -2.20
CA LYS A 291 3.39 -17.05 -2.79
C LYS A 291 4.73 -16.56 -2.24
N THR A 292 5.62 -16.14 -3.14
CA THR A 292 6.93 -15.63 -2.77
C THR A 292 7.24 -14.29 -3.41
N LEU A 293 7.88 -13.42 -2.65
CA LEU A 293 8.38 -12.15 -3.17
C LEU A 293 9.73 -12.34 -3.86
N SER A 294 10.39 -11.23 -4.17
CA SER A 294 11.75 -11.25 -4.71
C SER A 294 12.72 -11.65 -3.61
N GLY A 295 13.70 -12.48 -3.96
CA GLY A 295 14.64 -13.04 -3.00
C GLY A 295 14.17 -14.37 -2.46
N GLY A 296 12.90 -14.70 -2.70
CA GLY A 296 12.31 -15.95 -2.27
C GLY A 296 11.72 -15.92 -0.87
N ILE A 297 11.31 -14.74 -0.42
CA ILE A 297 10.64 -14.62 0.87
C ILE A 297 9.15 -14.94 0.72
N GLN A 298 8.70 -15.92 1.49
CA GLN A 298 7.30 -16.34 1.49
C GLN A 298 6.39 -15.19 1.89
N VAL A 299 5.26 -15.09 1.19
CA VAL A 299 4.30 -14.00 1.42
C VAL A 299 3.24 -14.44 2.40
N ASN A 300 3.04 -13.63 3.44
CA ASN A 300 1.97 -13.84 4.40
C ASN A 300 0.99 -12.66 4.39
N GLY A 301 -0.09 -12.78 5.17
CA GLY A 301 -1.12 -11.75 5.24
C GLY A 301 -0.70 -10.29 5.14
N PRO A 302 0.12 -9.81 6.08
CA PRO A 302 0.55 -8.41 6.07
C PRO A 302 1.37 -8.08 4.82
N ARG A 303 2.09 -9.08 4.30
CA ARG A 303 2.87 -8.93 3.07
C ARG A 303 1.98 -8.80 1.84
N LEU A 304 0.80 -9.42 1.88
CA LEU A 304 -0.15 -9.33 0.78
C LEU A 304 -0.88 -8.01 0.82
N GLU A 305 -1.10 -7.48 2.02
CA GLU A 305 -1.72 -6.17 2.22
C GLU A 305 -0.84 -5.09 1.58
N SER A 306 0.47 -5.20 1.80
CA SER A 306 1.45 -4.30 1.22
C SER A 306 1.41 -4.36 -0.31
N LEU A 307 1.34 -5.58 -0.85
CA LEU A 307 1.30 -5.79 -2.30
C LEU A 307 0.00 -5.29 -2.93
N VAL A 308 -1.11 -5.41 -2.21
CA VAL A 308 -2.40 -4.89 -2.67
C VAL A 308 -2.36 -3.36 -2.72
N LEU A 309 -1.86 -2.75 -1.65
CA LEU A 309 -1.74 -1.30 -1.59
C LEU A 309 -0.77 -0.76 -2.64
N THR A 310 0.39 -1.41 -2.78
CA THR A 310 1.40 -1.04 -3.77
C THR A 310 0.83 -1.05 -5.18
N TYR A 311 0.19 -2.16 -5.55
CA TYR A 311 -0.31 -2.34 -6.91
C TYR A 311 -1.51 -1.46 -7.20
N VAL A 312 -2.37 -1.26 -6.20
CA VAL A 312 -3.51 -0.36 -6.34
C VAL A 312 -3.02 1.08 -6.50
N ASN A 313 -2.00 1.43 -5.73
CA ASN A 313 -1.36 2.74 -5.82
C ASN A 313 -0.63 2.97 -7.15
N ALA A 314 -0.05 1.91 -7.70
CA ALA A 314 0.65 1.99 -8.98
C ALA A 314 -0.32 2.15 -10.14
N ILE A 315 -1.54 1.64 -9.97
CA ILE A 315 -2.60 1.76 -10.96
C ILE A 315 -3.35 3.08 -10.80
N SER A 316 -3.96 3.25 -9.62
CA SER A 316 -4.77 4.43 -9.30
C SER A 316 -4.00 5.74 -9.42
N SER A 317 -2.67 5.62 -9.56
CA SER A 317 -1.80 6.78 -9.79
C SER A 317 -1.99 7.35 -11.19
N GLY A 318 -2.43 6.52 -12.12
CA GLY A 318 -2.56 6.90 -13.52
C GLY A 318 -1.23 7.38 -14.08
N ASP A 319 -0.16 6.82 -13.52
CA ASP A 319 1.21 7.24 -13.84
C ASP A 319 1.78 6.37 -14.96
N LEU A 320 2.29 5.20 -14.57
CA LEU A 320 2.86 4.20 -15.48
C LEU A 320 4.08 4.67 -16.28
N PRO A 321 5.27 4.21 -15.89
CA PRO A 321 6.50 4.54 -16.62
C PRO A 321 6.56 3.78 -17.94
N CYS A 322 6.89 4.48 -19.01
CA CYS A 322 6.94 3.84 -20.33
C CYS A 322 8.34 3.34 -20.66
N MET A 323 8.62 2.12 -20.20
CA MET A 323 9.87 1.44 -20.50
C MET A 323 9.69 0.52 -21.71
N GLU A 324 10.79 -0.13 -22.11
CA GLU A 324 10.78 -1.08 -23.22
C GLU A 324 9.77 -2.20 -23.01
N ASN A 325 9.23 -2.71 -24.10
CA ASN A 325 8.28 -3.83 -24.06
C ASN A 325 8.96 -5.13 -23.63
N ALA A 326 8.14 -6.14 -23.33
CA ALA A 326 8.64 -7.48 -23.02
C ALA A 326 7.92 -8.52 -23.87
N VAL A 327 6.92 -8.07 -24.63
CA VAL A 327 6.05 -8.92 -25.46
C VAL A 327 5.28 -9.91 -24.60
N HIS B 17 23.10 3.59 10.79
CA HIS B 17 22.86 2.87 9.50
C HIS B 17 23.04 3.79 8.31
N MET B 18 22.05 4.64 8.05
CA MET B 18 22.02 5.50 6.88
C MET B 18 23.03 6.65 6.96
N THR B 19 23.68 6.93 5.83
CA THR B 19 24.71 7.96 5.75
C THR B 19 24.09 9.35 5.63
N GLY B 20 22.98 9.41 4.89
CA GLY B 20 22.25 10.64 4.68
C GLY B 20 20.77 10.34 4.51
N PRO B 21 19.94 11.37 4.35
CA PRO B 21 18.49 11.17 4.23
C PRO B 21 18.12 10.42 2.96
N MET B 22 16.88 9.93 2.89
CA MET B 22 16.41 9.14 1.77
C MET B 22 14.99 9.58 1.43
N CYS B 23 14.76 9.90 0.17
CA CYS B 23 13.44 10.34 -0.27
C CYS B 23 12.41 9.22 -0.12
N LEU B 24 11.47 9.43 0.81
CA LEU B 24 10.41 8.45 1.07
C LEU B 24 9.21 8.68 0.16
N ILE B 25 8.69 9.91 0.16
CA ILE B 25 7.58 10.28 -0.71
C ILE B 25 7.97 11.45 -1.60
N GLU B 26 8.03 11.20 -2.91
CA GLU B 26 8.34 12.24 -3.88
C GLU B 26 7.07 13.04 -4.19
N ASN B 27 7.16 14.36 -4.02
CA ASN B 27 6.07 15.27 -4.36
C ASN B 27 6.29 15.82 -5.77
N THR B 28 6.62 14.93 -6.68
CA THR B 28 6.99 15.28 -8.05
C THR B 28 5.81 15.85 -8.86
N ASN B 29 5.63 17.17 -8.74
CA ASN B 29 4.68 17.95 -9.54
C ASN B 29 3.22 17.49 -9.51
N GLY B 30 2.45 18.08 -8.61
CA GLY B 30 1.01 17.85 -8.54
C GLY B 30 0.60 16.46 -8.08
N ARG B 31 1.55 15.54 -7.97
CA ARG B 31 1.26 14.15 -7.62
C ARG B 31 2.23 13.55 -6.61
N LEU B 32 1.66 12.85 -5.63
CA LEU B 32 2.43 12.10 -4.64
C LEU B 32 2.80 10.72 -5.20
N MET B 33 4.05 10.35 -4.99
CA MET B 33 4.58 9.08 -5.49
C MET B 33 5.67 8.61 -4.54
N ALA B 34 5.42 7.48 -3.87
CA ALA B 34 6.39 6.90 -2.95
C ALA B 34 7.54 6.25 -3.70
N ASN B 35 8.73 6.34 -3.14
CA ASN B 35 9.93 5.77 -3.76
C ASN B 35 10.16 4.33 -3.33
N PRO B 36 10.12 3.39 -4.30
CA PRO B 36 10.33 1.97 -4.03
C PRO B 36 11.63 1.66 -3.28
N GLU B 37 12.67 2.49 -3.48
CA GLU B 37 13.95 2.32 -2.79
C GLU B 37 13.79 2.42 -1.27
N ALA B 38 13.20 3.53 -0.82
CA ALA B 38 12.97 3.78 0.60
C ALA B 38 12.05 2.75 1.22
N LEU B 39 11.04 2.34 0.45
CA LEU B 39 10.10 1.30 0.89
C LEU B 39 10.79 -0.07 0.96
N LYS B 40 11.73 -0.31 0.04
CA LYS B 40 12.52 -1.53 0.05
C LYS B 40 13.49 -1.55 1.24
N ILE B 41 13.99 -0.38 1.62
CA ILE B 41 14.84 -0.25 2.81
C ILE B 41 14.01 -0.45 4.06
N LEU B 42 12.90 0.29 4.16
CA LEU B 42 11.97 0.20 5.29
C LEU B 42 11.56 -1.24 5.57
N SER B 43 11.41 -2.01 4.50
CA SER B 43 11.01 -3.42 4.56
C SER B 43 11.94 -4.28 5.41
N ALA B 44 13.25 -4.01 5.32
CA ALA B 44 14.26 -4.84 5.99
C ALA B 44 14.65 -4.34 7.38
N ILE B 45 13.65 -3.88 8.14
CA ILE B 45 13.87 -3.42 9.51
C ILE B 45 12.83 -4.06 10.44
N THR B 46 13.28 -4.99 11.28
CA THR B 46 12.38 -5.74 12.15
C THR B 46 12.32 -5.19 13.57
N GLN B 47 12.99 -4.05 13.80
CA GLN B 47 13.05 -3.45 15.12
C GLN B 47 12.01 -2.36 15.30
N PRO B 48 11.50 -2.21 16.53
CA PRO B 48 10.53 -1.14 16.86
C PRO B 48 11.07 0.24 16.48
N MET B 49 10.20 1.11 16.01
CA MET B 49 10.63 2.40 15.47
C MET B 49 10.03 3.58 16.20
N VAL B 50 10.91 4.52 16.57
CA VAL B 50 10.50 5.82 17.07
C VAL B 50 10.55 6.80 15.90
N VAL B 51 9.37 7.06 15.31
CA VAL B 51 9.29 7.97 14.16
C VAL B 51 9.16 9.41 14.63
N VAL B 52 10.04 10.27 14.10
CA VAL B 52 10.05 11.69 14.43
C VAL B 52 9.95 12.50 13.14
N ALA B 53 8.97 13.40 13.09
CA ALA B 53 8.75 14.21 11.90
C ALA B 53 9.14 15.68 12.12
N ILE B 54 10.07 16.16 11.30
CA ILE B 54 10.47 17.56 11.29
C ILE B 54 9.78 18.24 10.10
N VAL B 55 8.83 19.11 10.41
CA VAL B 55 8.06 19.80 9.38
C VAL B 55 8.10 21.31 9.53
N GLY B 56 7.95 22.01 8.40
CA GLY B 56 7.98 23.46 8.36
C GLY B 56 8.26 23.99 6.96
N LEU B 57 8.19 25.31 6.81
CA LEU B 57 8.40 25.97 5.52
C LEU B 57 9.84 25.88 5.01
N TYR B 58 10.03 26.12 3.71
CA TYR B 58 11.34 26.03 3.06
C TYR B 58 12.40 26.92 3.69
N ARG B 59 13.55 26.32 4.00
CA ARG B 59 14.73 27.00 4.58
C ARG B 59 14.48 27.60 5.96
N THR B 60 14.00 26.80 6.90
CA THR B 60 13.77 27.24 8.27
C THR B 60 14.70 26.58 9.30
N GLY B 61 15.66 25.80 8.83
CA GLY B 61 16.64 25.16 9.70
C GLY B 61 16.27 23.75 10.12
N LYS B 62 15.43 23.10 9.31
CA LYS B 62 14.98 21.74 9.58
C LYS B 62 16.11 20.72 9.43
N SER B 63 16.97 20.93 8.43
CA SER B 63 18.09 20.03 8.14
C SER B 63 19.04 19.87 9.32
N TYR B 64 19.36 20.98 10.00
CA TYR B 64 20.24 20.92 11.18
C TYR B 64 19.65 20.05 12.28
N LEU B 65 18.34 20.20 12.49
CA LEU B 65 17.63 19.42 13.51
C LEU B 65 17.62 17.94 13.17
N MET B 66 17.51 17.64 11.88
CA MET B 66 17.49 16.25 11.42
C MET B 66 18.86 15.59 11.46
N ASN B 67 19.88 16.33 11.03
CA ASN B 67 21.25 15.81 10.98
C ASN B 67 21.80 15.54 12.39
N LYS B 68 21.53 16.45 13.31
CA LYS B 68 21.97 16.30 14.70
C LYS B 68 21.25 15.16 15.39
N LEU B 69 20.03 14.87 14.95
CA LEU B 69 19.22 13.77 15.46
C LEU B 69 19.75 12.44 14.91
N ALA B 70 20.42 12.50 13.76
CA ALA B 70 21.00 11.32 13.12
C ALA B 70 22.35 10.94 13.71
N GLY B 71 22.84 11.74 14.66
CA GLY B 71 24.13 11.53 15.28
C GLY B 71 25.29 12.09 14.45
N LYS B 72 24.95 12.90 13.46
CA LYS B 72 25.95 13.53 12.59
C LYS B 72 26.60 14.73 13.26
N LYS B 73 27.91 14.64 13.47
CA LYS B 73 28.69 15.70 14.12
C LYS B 73 28.60 17.04 13.37
N LYS B 74 28.59 16.99 12.04
CA LYS B 74 28.42 18.18 11.22
C LYS B 74 26.94 18.57 11.19
N GLY B 75 26.35 18.68 10.01
CA GLY B 75 24.92 18.91 9.89
C GLY B 75 24.53 20.26 9.34
N PHE B 76 25.14 21.31 9.88
CA PHE B 76 24.85 22.66 9.41
C PHE B 76 25.41 22.88 8.02
N SER B 77 24.57 23.38 7.12
CA SER B 77 24.96 23.56 5.73
C SER B 77 24.56 24.91 5.17
N LEU B 78 25.55 25.76 4.91
CA LEU B 78 25.33 26.99 4.18
C LEU B 78 24.99 26.61 2.74
N GLY B 79 23.78 26.95 2.32
CA GLY B 79 23.31 26.59 1.00
C GLY B 79 22.38 25.39 1.02
N SER B 80 22.34 24.67 -0.11
CA SER B 80 21.44 23.54 -0.29
C SER B 80 22.12 22.22 0.06
N LYS B 87 11.66 17.34 -3.19
CA LYS B 87 10.42 17.86 -2.61
C LYS B 87 9.50 16.74 -2.13
N GLY B 88 9.13 16.79 -0.86
CA GLY B 88 8.26 15.77 -0.26
C GLY B 88 8.73 15.38 1.13
N ILE B 89 8.65 14.08 1.43
CA ILE B 89 9.10 13.57 2.72
C ILE B 89 10.38 12.75 2.55
N TRP B 90 11.41 13.10 3.34
CA TRP B 90 12.66 12.37 3.35
C TRP B 90 12.79 11.58 4.65
N MET B 91 13.55 10.50 4.61
CA MET B 91 13.72 9.66 5.78
C MET B 91 15.20 9.35 6.08
N TRP B 92 15.53 9.32 7.36
CA TRP B 92 16.87 9.01 7.83
C TRP B 92 16.73 8.02 8.99
N CYS B 93 17.21 6.79 8.78
CA CYS B 93 17.07 5.74 9.77
C CYS B 93 18.38 5.46 10.50
N VAL B 94 18.38 5.77 11.80
CA VAL B 94 19.53 5.55 12.66
C VAL B 94 19.10 4.73 13.87
N PRO B 95 19.98 3.89 14.42
CA PRO B 95 19.67 3.18 15.66
C PRO B 95 19.42 4.16 16.80
N HIS B 96 18.43 3.90 17.64
CA HIS B 96 18.10 4.82 18.72
C HIS B 96 19.24 4.90 19.75
N PRO B 97 19.76 6.11 19.97
CA PRO B 97 20.90 6.35 20.87
C PRO B 97 20.63 6.03 22.33
N LYS B 98 19.36 5.90 22.72
CA LYS B 98 19.00 5.68 24.12
C LYS B 98 18.08 4.47 24.30
N LYS B 99 17.53 3.98 23.19
CA LYS B 99 16.66 2.80 23.20
C LYS B 99 17.30 1.70 22.34
N PRO B 100 18.07 0.82 22.97
CA PRO B 100 18.70 -0.30 22.24
C PRO B 100 17.66 -1.20 21.57
N GLY B 101 18.04 -1.79 20.44
CA GLY B 101 17.12 -2.61 19.67
C GLY B 101 16.01 -1.82 19.01
N HIS B 102 16.06 -0.50 19.16
CA HIS B 102 15.10 0.40 18.52
C HIS B 102 15.74 1.13 17.34
N ILE B 103 14.89 1.71 16.49
CA ILE B 103 15.35 2.46 15.34
C ILE B 103 14.69 3.84 15.34
N LEU B 104 15.49 4.88 15.14
CA LEU B 104 14.96 6.24 15.00
C LEU B 104 14.77 6.57 13.53
N VAL B 105 13.51 6.74 13.14
CA VAL B 105 13.16 7.17 11.79
C VAL B 105 12.93 8.67 11.81
N LEU B 106 13.64 9.38 10.93
CA LEU B 106 13.55 10.83 10.87
C LEU B 106 12.92 11.30 9.57
N LEU B 107 11.80 11.99 9.67
CA LEU B 107 11.07 12.49 8.50
C LEU B 107 11.19 14.00 8.36
N ASP B 108 11.39 14.45 7.13
CA ASP B 108 11.56 15.86 6.81
C ASP B 108 10.59 16.29 5.71
N THR B 109 10.04 17.50 5.81
CA THR B 109 9.13 18.01 4.79
C THR B 109 9.84 19.00 3.88
N GLU B 110 10.48 18.47 2.84
CA GLU B 110 11.29 19.28 1.93
C GLU B 110 10.45 20.17 1.03
N GLY B 111 10.52 21.47 1.26
CA GLY B 111 9.78 22.46 0.50
C GLY B 111 8.31 22.52 0.85
N LEU B 112 7.84 23.70 1.25
CA LEU B 112 6.43 23.93 1.53
C LEU B 112 6.01 25.35 1.15
N GLY B 113 6.82 26.00 0.31
CA GLY B 113 6.61 27.38 -0.07
C GLY B 113 5.44 27.57 -1.02
N GLN B 121 -1.12 23.02 -3.28
CA GLN B 121 -1.81 21.91 -3.93
C GLN B 121 -1.67 20.62 -3.12
N ASN B 122 -0.43 20.17 -2.95
CA ASN B 122 -0.13 18.96 -2.18
C ASN B 122 0.72 19.24 -0.95
N ASP B 123 1.09 20.50 -0.78
CA ASP B 123 1.94 20.94 0.33
C ASP B 123 1.42 20.45 1.67
N SER B 124 0.13 20.71 1.93
CA SER B 124 -0.51 20.29 3.18
C SER B 124 -0.70 18.77 3.27
N TRP B 125 -0.78 18.12 2.10
CA TRP B 125 -0.90 16.66 2.04
C TRP B 125 0.36 15.96 2.52
N ILE B 126 1.52 16.54 2.22
CA ILE B 126 2.81 16.03 2.70
C ILE B 126 2.99 16.36 4.18
N PHE B 127 2.58 17.58 4.55
CA PHE B 127 2.57 18.05 5.92
C PHE B 127 1.77 17.08 6.79
N ALA B 128 0.51 16.86 6.41
CA ALA B 128 -0.41 16.01 7.16
C ALA B 128 -0.01 14.54 7.15
N LEU B 129 0.65 14.11 6.08
CA LEU B 129 1.15 12.74 5.97
C LEU B 129 2.28 12.50 6.97
N ALA B 130 3.13 13.52 7.13
CA ALA B 130 4.25 13.46 8.07
C ALA B 130 3.76 13.33 9.51
N VAL B 131 2.62 13.94 9.82
CA VAL B 131 2.02 13.86 11.14
C VAL B 131 1.47 12.45 11.40
N LEU B 132 0.76 11.91 10.41
CA LEU B 132 0.19 10.56 10.49
C LEU B 132 1.26 9.50 10.74
N LEU B 133 2.34 9.56 9.98
CA LEU B 133 3.40 8.55 10.04
C LEU B 133 4.24 8.60 11.33
N SER B 134 4.18 9.73 12.03
CA SER B 134 5.07 9.98 13.16
C SER B 134 4.50 9.56 14.50
N SER B 135 5.39 9.37 15.48
CA SER B 135 5.02 9.18 16.89
C SER B 135 5.33 10.45 17.68
N THR B 136 6.19 11.28 17.11
CA THR B 136 6.49 12.61 17.63
C THR B 136 6.39 13.61 16.49
N PHE B 137 5.90 14.81 16.78
CA PHE B 137 5.66 15.81 15.75
C PHE B 137 6.30 17.16 16.08
N VAL B 138 7.36 17.47 15.36
CA VAL B 138 8.09 18.72 15.55
C VAL B 138 7.69 19.73 14.48
N TYR B 139 7.17 20.86 14.93
CA TYR B 139 6.82 21.97 14.04
C TYR B 139 7.90 23.03 14.11
N ASN B 140 8.45 23.39 12.95
CA ASN B 140 9.53 24.36 12.90
C ASN B 140 9.16 25.62 12.12
N SER B 141 9.22 26.77 12.80
CA SER B 141 8.91 28.05 12.18
C SER B 141 9.82 29.18 12.66
N ILE B 142 9.82 30.29 11.94
CA ILE B 142 10.68 31.43 12.26
C ILE B 142 9.90 32.52 12.98
N GLY B 143 10.47 32.99 14.09
CA GLY B 143 9.94 34.15 14.79
C GLY B 143 8.85 33.86 15.79
N THR B 144 8.08 34.89 16.15
CA THR B 144 6.96 34.76 17.06
C THR B 144 5.91 33.82 16.50
N ILE B 145 5.16 33.18 17.39
CA ILE B 145 4.01 32.37 16.99
C ILE B 145 2.97 33.31 16.39
N ASN B 146 2.58 33.02 15.15
CA ASN B 146 1.61 33.83 14.42
C ASN B 146 0.38 33.03 14.01
N GLN B 147 -0.62 33.71 13.51
CA GLN B 147 -1.87 33.09 13.05
C GLN B 147 -1.65 32.16 11.85
N GLN B 148 -0.75 32.57 10.94
CA GLN B 148 -0.44 31.77 9.75
C GLN B 148 0.07 30.39 10.13
N ALA B 149 0.92 30.34 11.15
CA ALA B 149 1.42 29.09 11.71
C ALA B 149 0.29 28.31 12.36
N MET B 150 -0.64 29.04 12.99
CA MET B 150 -1.80 28.45 13.65
C MET B 150 -2.81 27.88 12.65
N ASP B 151 -3.28 28.71 11.73
CA ASP B 151 -4.26 28.30 10.71
C ASP B 151 -3.78 27.04 9.99
N GLN B 152 -2.52 27.07 9.56
CA GLN B 152 -1.88 25.94 8.87
C GLN B 152 -1.85 24.69 9.75
N LEU B 153 -1.36 24.83 10.97
CA LEU B 153 -1.30 23.73 11.91
C LEU B 153 -2.68 23.13 12.14
N TYR B 154 -3.65 24.00 12.42
CA TYR B 154 -5.04 23.59 12.61
C TYR B 154 -5.56 22.78 11.42
N TYR B 155 -5.46 23.38 10.24
CA TYR B 155 -5.87 22.77 8.97
C TYR B 155 -5.43 21.29 8.92
N VAL B 156 -4.12 21.09 9.00
CA VAL B 156 -3.48 19.79 8.96
C VAL B 156 -4.16 18.74 9.86
N THR B 157 -4.64 19.18 11.01
CA THR B 157 -5.32 18.30 11.97
C THR B 157 -6.58 17.66 11.40
N GLU B 158 -7.47 18.47 10.84
CA GLU B 158 -8.68 17.95 10.20
C GLU B 158 -8.33 17.07 9.01
N LEU B 159 -7.27 17.47 8.29
CA LEU B 159 -6.73 16.70 7.18
C LEU B 159 -6.27 15.31 7.63
N THR B 160 -5.70 15.23 8.83
CA THR B 160 -5.28 13.96 9.44
C THR B 160 -6.45 12.99 9.58
N HIS B 161 -7.50 13.45 10.28
CA HIS B 161 -8.69 12.65 10.56
C HIS B 161 -9.37 12.16 9.28
N ARG B 162 -9.50 13.05 8.31
CA ARG B 162 -10.08 12.73 7.01
C ARG B 162 -9.36 11.56 6.32
N ILE B 163 -8.03 11.54 6.40
CA ILE B 163 -7.24 10.46 5.82
C ILE B 163 -7.41 9.16 6.62
N ARG B 164 -7.15 9.22 7.93
CA ARG B 164 -7.31 8.07 8.83
C ARG B 164 -8.67 7.39 8.66
N SER B 165 -9.69 8.19 8.36
CA SER B 165 -11.03 7.67 8.08
C SER B 165 -11.07 6.90 6.76
N LYS B 166 -10.76 7.58 5.66
CA LYS B 166 -10.72 6.96 4.33
C LYS B 166 -9.95 5.64 4.32
N SER B 167 -8.94 5.56 5.19
CA SER B 167 -8.07 4.39 5.27
C SER B 167 -8.43 3.44 6.42
N SER B 168 -9.66 3.57 6.93
CA SER B 168 -10.19 2.70 7.98
C SER B 168 -11.71 2.82 8.08
N ASP B 178 -11.44 13.83 17.68
CA ASP B 178 -12.86 14.11 17.81
C ASP B 178 -13.45 13.40 19.03
N SER B 179 -13.19 12.10 19.13
CA SER B 179 -13.68 11.30 20.25
C SER B 179 -12.83 11.51 21.50
N ALA B 180 -11.84 10.64 21.69
CA ALA B 180 -10.91 10.69 22.81
C ALA B 180 -9.82 9.65 22.60
N ASP B 181 -10.17 8.60 21.87
CA ASP B 181 -9.25 7.49 21.58
C ASP B 181 -8.45 7.76 20.31
N PHE B 182 -9.03 8.55 19.40
CA PHE B 182 -8.35 9.01 18.20
C PHE B 182 -7.38 10.14 18.55
N VAL B 183 -7.61 10.76 19.70
CA VAL B 183 -6.69 11.74 20.30
C VAL B 183 -5.42 11.00 20.77
N SER B 184 -5.62 9.79 21.27
CA SER B 184 -4.52 8.95 21.74
C SER B 184 -3.64 8.45 20.59
N PHE B 185 -4.14 8.56 19.36
CA PHE B 185 -3.36 8.22 18.17
C PHE B 185 -2.29 9.28 17.89
N PHE B 186 -2.70 10.55 17.95
CA PHE B 186 -1.86 11.68 17.59
C PHE B 186 -0.49 11.65 18.28
N PRO B 187 0.54 12.08 17.56
CA PRO B 187 1.91 12.13 18.08
C PRO B 187 2.13 13.26 19.10
N ASP B 188 3.27 13.23 19.79
CA ASP B 188 3.70 14.31 20.67
C ASP B 188 3.82 15.61 19.87
N PHE B 189 3.86 16.73 20.58
CA PHE B 189 4.02 18.03 19.93
C PHE B 189 5.30 18.72 20.42
N VAL B 190 6.12 19.17 19.47
CA VAL B 190 7.27 20.01 19.75
C VAL B 190 7.32 21.15 18.74
N TRP B 191 7.01 22.37 19.19
CA TRP B 191 7.12 23.53 18.33
C TRP B 191 8.50 24.17 18.54
N THR B 192 9.34 24.14 17.51
CA THR B 192 10.64 24.78 17.57
C THR B 192 10.60 26.11 16.84
N LEU B 193 10.84 27.18 17.59
CA LEU B 193 10.89 28.52 17.02
C LEU B 193 12.33 28.92 16.77
N ARG B 194 12.61 29.31 15.52
CA ARG B 194 13.97 29.66 15.11
C ARG B 194 14.18 31.16 15.03
N ASP B 195 15.46 31.57 15.11
CA ASP B 195 15.87 32.99 15.10
C ASP B 195 15.02 33.84 16.04
N PHE B 196 14.67 33.29 17.19
CA PHE B 196 13.70 33.93 18.05
C PHE B 196 14.23 34.37 19.40
N SER B 197 13.74 35.55 19.82
CA SER B 197 13.98 36.13 21.13
C SER B 197 13.26 37.48 21.14
N LEU B 198 11.97 37.46 21.47
CA LEU B 198 11.17 38.69 21.51
C LEU B 198 11.51 39.54 22.74
N ASP B 199 10.61 40.46 23.09
CA ASP B 199 10.76 41.27 24.31
C ASP B 199 11.26 40.42 25.47
N LEU B 200 10.73 39.19 25.53
CA LEU B 200 10.97 38.23 26.60
C LEU B 200 10.19 38.66 27.84
N GLU B 201 9.24 37.82 28.22
CA GLU B 201 8.21 38.15 29.20
C GLU B 201 8.57 37.70 30.62
N ALA B 202 7.75 38.06 31.61
CA ALA B 202 8.02 37.74 33.02
C ALA B 202 6.81 37.79 33.97
N ASP B 203 7.01 37.23 35.16
CA ASP B 203 6.12 37.41 36.32
C ASP B 203 7.02 37.58 37.55
N GLY B 204 8.06 38.38 37.38
CA GLY B 204 9.18 38.44 38.31
C GLY B 204 10.25 37.51 37.79
N GLN B 205 9.79 36.44 37.13
CA GLN B 205 10.65 35.48 36.44
C GLN B 205 10.24 35.42 34.97
N PRO B 206 11.21 35.49 34.06
CA PRO B 206 10.94 35.43 32.62
C PRO B 206 10.16 34.18 32.23
N LEU B 207 9.43 34.29 31.11
CA LEU B 207 8.62 33.17 30.63
C LEU B 207 9.51 32.11 29.98
N THR B 208 9.24 30.86 30.35
CA THR B 208 9.90 29.70 29.76
C THR B 208 9.31 29.50 28.36
N PRO B 209 10.05 28.89 27.44
CA PRO B 209 9.48 28.48 26.15
C PRO B 209 8.13 27.75 26.27
N ASP B 210 8.01 26.79 27.18
CA ASP B 210 6.75 26.10 27.44
C ASP B 210 5.68 27.08 27.91
N GLU B 211 6.04 27.92 28.87
CA GLU B 211 5.17 28.97 29.39
C GLU B 211 4.75 29.96 28.31
N TYR B 212 5.58 30.10 27.27
CA TYR B 212 5.29 31.00 26.16
C TYR B 212 4.28 30.38 25.21
N LEU B 213 4.40 29.08 24.96
CA LEU B 213 3.44 28.38 24.10
C LEU B 213 2.05 28.46 24.74
N THR B 214 1.95 27.92 25.96
CA THR B 214 0.74 28.02 26.78
C THR B 214 0.13 29.41 26.68
N TYR B 215 0.96 30.42 26.90
CA TYR B 215 0.58 31.82 26.84
C TYR B 215 0.02 32.18 25.46
N SER B 216 0.80 31.86 24.41
CA SER B 216 0.42 32.16 23.03
C SER B 216 -0.83 31.41 22.58
N LEU B 217 -1.20 30.38 23.33
CA LEU B 217 -2.32 29.51 23.00
C LEU B 217 -3.63 29.88 23.70
N LYS B 218 -3.56 30.86 24.61
CA LYS B 218 -4.74 31.31 25.34
C LYS B 218 -5.72 32.05 24.43
N LEU B 219 -7.00 31.66 24.51
CA LEU B 219 -8.03 32.15 23.59
C LEU B 219 -8.50 33.56 23.93
N LYS B 220 -9.17 34.17 22.96
CA LYS B 220 -9.86 35.44 23.16
C LYS B 220 -11.15 35.18 23.93
N LYS B 221 -11.44 36.08 24.87
CA LYS B 221 -12.57 35.91 25.78
C LYS B 221 -13.94 36.16 25.14
N GLY B 222 -13.94 36.72 23.93
CA GLY B 222 -15.16 37.02 23.20
C GLY B 222 -15.93 35.79 22.72
N THR B 223 -17.04 36.05 22.03
CA THR B 223 -17.91 35.00 21.52
C THR B 223 -18.34 35.29 20.08
N SER B 224 -17.98 36.48 19.59
CA SER B 224 -18.34 36.90 18.24
C SER B 224 -17.50 36.23 17.15
N GLN B 225 -17.87 36.48 15.89
CA GLN B 225 -17.21 35.88 14.72
C GLN B 225 -15.71 36.13 14.72
N LYS B 226 -15.33 37.40 14.77
CA LYS B 226 -13.91 37.79 14.76
C LYS B 226 -13.13 37.14 15.91
N ASP B 227 -13.79 37.01 17.07
CA ASP B 227 -13.19 36.36 18.24
C ASP B 227 -13.08 34.85 18.04
N GLU B 228 -13.94 34.29 17.19
CA GLU B 228 -13.98 32.85 16.97
C GLU B 228 -13.20 32.38 15.73
N THR B 229 -12.98 33.28 14.77
CA THR B 229 -12.10 32.98 13.63
C THR B 229 -10.64 32.88 14.11
N PHE B 230 -10.46 33.05 15.42
CA PHE B 230 -9.17 33.11 16.07
C PHE B 230 -9.01 31.94 17.04
N ASN B 231 -10.02 31.72 17.87
CA ASN B 231 -9.97 30.68 18.92
C ASN B 231 -9.97 29.25 18.39
N LEU B 232 -10.51 29.05 17.18
CA LEU B 232 -10.63 27.72 16.58
C LEU B 232 -9.32 26.93 16.56
N PRO B 233 -8.28 27.44 15.88
CA PRO B 233 -6.98 26.75 15.85
C PRO B 233 -6.44 26.44 17.25
N ARG B 234 -6.44 27.42 18.15
CA ARG B 234 -5.96 27.24 19.53
C ARG B 234 -6.68 26.13 20.29
N LEU B 235 -7.99 26.03 20.07
CA LEU B 235 -8.81 25.00 20.71
C LEU B 235 -8.43 23.61 20.22
N CYS B 236 -8.37 23.47 18.90
CA CYS B 236 -8.02 22.21 18.24
C CYS B 236 -6.65 21.68 18.65
N ILE B 237 -5.74 22.59 19.01
CA ILE B 237 -4.38 22.22 19.43
C ILE B 237 -4.35 21.63 20.84
N ARG B 238 -5.31 22.00 21.68
CA ARG B 238 -5.39 21.45 23.03
C ARG B 238 -5.97 20.03 23.02
N LYS B 239 -7.08 19.86 22.32
CA LYS B 239 -7.76 18.57 22.24
C LYS B 239 -6.90 17.50 21.57
N PHE B 240 -6.28 17.87 20.45
CA PHE B 240 -5.53 16.92 19.63
C PHE B 240 -4.07 16.75 19.99
N PHE B 241 -3.48 17.81 20.56
CA PHE B 241 -2.11 17.75 21.05
C PHE B 241 -2.07 18.01 22.56
N PRO B 242 -2.38 17.00 23.36
CA PRO B 242 -2.34 17.13 24.83
C PRO B 242 -0.91 17.34 25.33
N LYS B 243 0.03 16.62 24.73
CA LYS B 243 1.44 16.72 25.10
C LYS B 243 2.18 17.66 24.16
N LYS B 244 2.31 18.92 24.58
CA LYS B 244 2.99 19.95 23.81
C LYS B 244 4.26 20.42 24.51
N LYS B 245 5.32 20.59 23.73
CA LYS B 245 6.60 21.11 24.21
C LYS B 245 7.07 22.24 23.30
N CYS B 246 7.83 23.18 23.87
CA CYS B 246 8.33 24.31 23.11
C CYS B 246 9.82 24.55 23.33
N PHE B 247 10.51 24.89 22.24
CA PHE B 247 11.91 25.28 22.29
C PHE B 247 12.12 26.55 21.50
N VAL B 248 12.96 27.43 22.03
CA VAL B 248 13.32 28.68 21.36
C VAL B 248 14.79 28.61 20.97
N PHE B 249 15.10 29.02 19.74
CA PHE B 249 16.47 28.96 19.23
C PHE B 249 16.97 30.33 18.77
N ASP B 250 18.12 30.72 19.31
CA ASP B 250 18.84 31.92 18.87
C ASP B 250 19.25 31.74 17.42
N ARG B 251 19.20 32.82 16.64
CA ARG B 251 19.63 32.74 15.25
C ARG B 251 21.05 32.18 15.17
N PRO B 252 21.31 31.29 14.21
CA PRO B 252 22.61 30.63 14.12
C PRO B 252 23.66 31.55 13.52
N VAL B 253 24.49 32.11 14.40
CA VAL B 253 25.60 32.96 13.99
C VAL B 253 26.86 32.12 13.87
N HIS B 254 27.46 32.16 12.70
CA HIS B 254 28.65 31.37 12.38
C HIS B 254 29.72 32.28 11.80
N ARG B 255 30.93 31.75 11.62
CA ARG B 255 32.03 32.52 11.05
C ARG B 255 31.91 32.58 9.53
N ARG B 256 31.88 33.81 9.01
CA ARG B 256 31.81 34.15 7.59
C ARG B 256 31.81 33.03 6.55
N LYS B 257 30.81 33.04 5.67
CA LYS B 257 30.69 32.07 4.58
C LYS B 257 31.81 32.25 3.54
N LEU B 258 32.54 31.16 3.29
CA LEU B 258 33.61 31.17 2.30
C LEU B 258 33.11 30.79 0.91
N ALA B 259 31.82 31.08 0.66
CA ALA B 259 31.14 30.80 -0.62
C ALA B 259 31.51 29.43 -1.21
N GLN B 260 31.58 28.43 -0.34
CA GLN B 260 31.92 27.06 -0.74
C GLN B 260 30.66 26.30 -1.13
N LEU B 261 29.51 26.84 -0.70
CA LEU B 261 28.18 26.25 -0.91
C LEU B 261 28.02 24.89 -0.19
N GLU B 262 28.71 24.74 0.94
CA GLU B 262 28.67 23.48 1.72
C GLU B 262 28.79 23.65 3.25
N LYS B 263 28.87 22.50 3.94
CA LYS B 263 28.71 22.35 5.39
C LYS B 263 29.65 23.12 6.32
N LEU B 264 29.25 23.19 7.60
CA LEU B 264 30.06 23.70 8.71
C LEU B 264 29.83 22.84 9.96
N GLN B 265 30.86 22.74 10.80
CA GLN B 265 30.78 21.97 12.05
C GLN B 265 30.33 22.83 13.24
N ASP B 266 30.00 22.17 14.35
CA ASP B 266 29.46 22.81 15.56
C ASP B 266 30.30 23.93 16.16
N GLU B 267 31.61 23.73 16.20
CA GLU B 267 32.54 24.70 16.79
C GLU B 267 32.54 26.03 16.02
N GLU B 268 32.18 25.96 14.74
CA GLU B 268 32.11 27.12 13.87
C GLU B 268 30.79 27.85 14.01
N LEU B 269 29.88 27.30 14.80
CA LEU B 269 28.56 27.89 15.02
C LEU B 269 28.46 28.56 16.38
N ASP B 270 27.35 29.26 16.62
CA ASP B 270 27.07 29.90 17.89
C ASP B 270 26.99 28.84 19.00
N PRO B 271 27.84 28.97 20.02
CA PRO B 271 27.89 28.01 21.13
C PRO B 271 26.54 27.79 21.82
N GLU B 272 25.76 28.85 22.01
CA GLU B 272 24.44 28.73 22.63
C GLU B 272 23.45 28.00 21.73
N PHE B 273 23.45 28.36 20.45
CA PHE B 273 22.64 27.69 19.45
C PHE B 273 22.88 26.17 19.46
N VAL B 274 24.15 25.78 19.55
CA VAL B 274 24.53 24.36 19.54
C VAL B 274 23.97 23.62 20.76
N GLN B 275 24.08 24.23 21.94
CA GLN B 275 23.53 23.63 23.16
C GLN B 275 22.01 23.52 23.10
N GLN B 276 21.36 24.57 22.61
CA GLN B 276 19.91 24.60 22.45
C GLN B 276 19.42 23.40 21.64
N VAL B 277 20.05 23.16 20.50
CA VAL B 277 19.69 22.04 19.63
C VAL B 277 20.12 20.70 20.23
N ALA B 278 21.17 20.72 21.04
CA ALA B 278 21.64 19.53 21.73
C ALA B 278 20.71 19.17 22.89
N ASP B 279 20.17 20.20 23.53
CA ASP B 279 19.19 20.03 24.60
C ASP B 279 17.85 19.60 24.02
N PHE B 280 17.58 20.03 22.79
CA PHE B 280 16.41 19.59 22.04
C PHE B 280 16.51 18.09 21.75
N CYS B 281 17.58 17.69 21.05
CA CYS B 281 17.81 16.29 20.71
C CYS B 281 17.64 15.37 21.93
N SER B 282 18.34 15.71 23.01
CA SER B 282 18.26 14.98 24.27
C SER B 282 16.82 14.72 24.72
N TYR B 283 15.96 15.71 24.54
CA TYR B 283 14.54 15.59 24.86
C TYR B 283 13.88 14.50 24.02
N ILE B 284 14.04 14.58 22.69
CA ILE B 284 13.48 13.61 21.76
C ILE B 284 13.96 12.19 22.09
N PHE B 285 15.27 12.05 22.34
CA PHE B 285 15.88 10.77 22.66
C PHE B 285 15.38 10.16 23.99
N SER B 286 14.65 10.96 24.77
CA SER B 286 14.26 10.54 26.11
C SER B 286 12.76 10.63 26.40
N ASN B 287 12.00 11.26 25.49
CA ASN B 287 10.57 11.46 25.70
C ASN B 287 9.71 11.05 24.52
N SER B 288 10.35 10.78 23.37
CA SER B 288 9.65 10.34 22.18
C SER B 288 9.39 8.85 22.20
N LYS B 289 8.14 8.48 22.40
CA LYS B 289 7.71 7.08 22.49
C LYS B 289 7.79 6.37 21.14
N THR B 290 7.66 5.04 21.18
CA THR B 290 7.64 4.23 19.97
C THR B 290 6.33 4.45 19.22
N LYS B 291 6.38 4.35 17.89
CA LYS B 291 5.18 4.45 17.07
C LYS B 291 4.35 3.18 17.23
N THR B 292 3.10 3.34 17.65
CA THR B 292 2.20 2.21 17.88
C THR B 292 0.96 2.28 17.00
N LEU B 293 0.36 1.12 16.76
CA LEU B 293 -0.92 1.03 16.05
C LEU B 293 -2.08 0.95 17.03
N SER B 294 -3.30 0.86 16.49
CA SER B 294 -4.54 0.78 17.27
C SER B 294 -4.36 0.16 18.66
N GLY B 295 -4.03 -1.12 18.70
CA GLY B 295 -3.83 -1.83 19.97
C GLY B 295 -2.55 -1.44 20.67
N GLY B 296 -1.73 -2.44 20.98
CA GLY B 296 -0.44 -2.21 21.60
C GLY B 296 0.70 -2.64 20.70
N ILE B 297 0.44 -2.68 19.40
CA ILE B 297 1.43 -3.11 18.42
C ILE B 297 2.34 -1.95 18.04
N GLN B 298 3.64 -2.15 18.22
CA GLN B 298 4.65 -1.17 17.81
C GLN B 298 4.89 -1.26 16.31
N VAL B 299 4.98 -0.11 15.66
CA VAL B 299 5.27 -0.06 14.24
C VAL B 299 6.73 -0.39 14.00
N ASN B 300 6.99 -1.27 13.05
CA ASN B 300 8.34 -1.58 12.60
C ASN B 300 8.50 -1.29 11.11
N GLY B 301 9.58 -1.80 10.52
CA GLY B 301 9.86 -1.58 9.11
C GLY B 301 8.70 -1.79 8.16
N PRO B 302 8.20 -3.03 8.04
CA PRO B 302 7.03 -3.32 7.20
C PRO B 302 5.77 -2.59 7.65
N ARG B 303 5.57 -2.49 8.97
CA ARG B 303 4.40 -1.79 9.51
C ARG B 303 4.32 -0.33 9.09
N LEU B 304 5.46 0.36 9.09
CA LEU B 304 5.53 1.75 8.63
C LEU B 304 5.36 1.82 7.12
N GLU B 305 5.94 0.86 6.42
CA GLU B 305 5.84 0.75 4.97
C GLU B 305 4.38 0.60 4.55
N SER B 306 3.65 -0.24 5.28
CA SER B 306 2.23 -0.44 5.05
C SER B 306 1.43 0.84 5.25
N LEU B 307 1.78 1.61 6.28
CA LEU B 307 1.12 2.89 6.58
C LEU B 307 1.39 3.94 5.51
N VAL B 308 2.64 4.02 5.07
CA VAL B 308 3.01 4.88 3.94
C VAL B 308 2.18 4.50 2.72
N LEU B 309 2.11 3.21 2.44
CA LEU B 309 1.30 2.70 1.33
C LEU B 309 -0.20 2.92 1.54
N THR B 310 -0.63 2.92 2.80
CA THR B 310 -2.03 3.15 3.16
C THR B 310 -2.44 4.61 2.98
N TYR B 311 -1.56 5.53 3.38
CA TYR B 311 -1.88 6.95 3.42
C TYR B 311 -1.74 7.65 2.07
N VAL B 312 -0.66 7.35 1.34
CA VAL B 312 -0.46 7.89 0.00
C VAL B 312 -1.59 7.44 -0.90
N ASN B 313 -1.98 6.17 -0.77
CA ASN B 313 -3.12 5.61 -1.48
C ASN B 313 -4.42 6.34 -1.14
N ALA B 314 -4.62 6.62 0.14
CA ALA B 314 -5.82 7.31 0.63
C ALA B 314 -5.94 8.74 0.11
N ILE B 315 -4.85 9.50 0.18
CA ILE B 315 -4.81 10.86 -0.38
C ILE B 315 -5.04 10.79 -1.89
N SER B 316 -4.22 10.00 -2.57
CA SER B 316 -4.32 9.85 -4.02
C SER B 316 -5.38 8.83 -4.44
N SER B 317 -6.46 8.76 -3.67
CA SER B 317 -7.59 7.89 -3.99
C SER B 317 -8.66 8.66 -4.77
N GLY B 318 -8.62 9.98 -4.68
CA GLY B 318 -9.62 10.84 -5.31
C GLY B 318 -10.95 10.81 -4.59
N ASP B 319 -11.12 9.81 -3.72
CA ASP B 319 -12.35 9.58 -2.97
C ASP B 319 -12.73 10.79 -2.12
N LEU B 320 -11.85 11.13 -1.16
CA LEU B 320 -12.10 12.18 -0.17
C LEU B 320 -13.48 12.08 0.47
N PRO B 321 -13.73 11.02 1.25
CA PRO B 321 -15.04 10.77 1.85
C PRO B 321 -15.23 11.53 3.18
N CYS B 322 -16.28 12.35 3.22
CA CYS B 322 -16.57 13.16 4.40
C CYS B 322 -18.08 13.24 4.65
P 5GP C . -19.55 -16.72 -11.90
O1P 5GP C . -19.04 -17.17 -10.58
O2P 5GP C . -19.52 -15.12 -12.04
O3P 5GP C . -18.65 -17.30 -13.10
O5' 5GP C . -21.05 -17.13 -12.22
C5' 5GP C . -21.50 -18.42 -11.90
C4' 5GP C . -22.83 -18.68 -12.60
O4' 5GP C . -22.64 -19.73 -13.58
C3' 5GP C . -23.88 -19.17 -11.61
O3' 5GP C . -25.17 -18.66 -12.00
C2' 5GP C . -23.85 -20.69 -11.72
O2' 5GP C . -25.17 -21.23 -11.60
C1' 5GP C . -23.36 -20.91 -13.17
N9 5GP C . -22.43 -22.04 -13.39
C8 5GP C . -21.81 -22.84 -12.50
N7 5GP C . -21.05 -23.72 -13.15
C5 5GP C . -21.18 -23.49 -14.46
C6 5GP C . -20.65 -24.08 -15.60
O6 5GP C . -19.87 -25.03 -15.50
N1 5GP C . -20.99 -23.61 -16.88
C2 5GP C . -21.87 -22.53 -17.01
N2 5GP C . -22.21 -22.06 -18.20
N3 5GP C . -22.40 -21.93 -15.87
C4 5GP C . -22.06 -22.42 -14.60
P 5GP D . 15.72 23.50 5.65
O1P 5GP D . 16.38 22.26 6.12
O2P 5GP D . 14.88 23.26 4.29
O3P 5GP D . 14.64 24.05 6.72
O5' 5GP D . 16.73 24.70 5.32
C5' 5GP D . 17.82 25.01 6.18
C4' 5GP D . 18.58 26.25 5.64
O4' 5GP D . 18.44 27.34 6.58
C3' 5GP D . 20.08 26.02 5.47
O3' 5GP D . 20.57 26.93 4.48
C2' 5GP D . 20.63 26.39 6.84
O2' 5GP D . 21.97 26.87 6.75
C1' 5GP D . 19.72 27.54 7.27
N9 5GP D . 19.42 27.57 8.73
C8 5GP D . 19.88 26.75 9.67
N7 5GP D . 19.39 27.12 10.85
C5 5GP D . 18.63 28.19 10.66
C6 5GP D . 17.88 28.98 11.53
O6 5GP D . 17.85 28.73 12.73
N1 5GP D . 17.16 30.07 11.03
C2 5GP D . 17.19 30.36 9.66
N2 5GP D . 16.50 31.39 9.18
N3 5GP D . 17.94 29.56 8.80
C4 5GP D . 18.65 28.48 9.31
#